data_5Q26
#
_entry.id   5Q26
#
_cell.length_a   51.762
_cell.length_b   56.944
_cell.length_c   114.876
_cell.angle_alpha   90.000
_cell.angle_beta   90.000
_cell.angle_gamma   90.000
#
_symmetry.space_group_name_H-M   'P 21 21 21'
#
loop_
_entity.id
_entity.type
_entity.pdbx_description
1 polymer 'DNA cross-link repair 1A protein'
2 non-polymer 'MALONATE ION'
3 non-polymer 'NICKEL (II) ION'
4 non-polymer 2-methoxy-~{N}-(2,4,6-trimethylphenyl)ethanamide
5 water water
#
_entity_poly.entity_id   1
_entity_poly.type   'polypeptide(L)'
_entity_poly.pdbx_seq_one_letter_code
;KKTCPFYKKIPGTGFTVDAFQYGVVEGCTAYFLTHFHSDHYAGLSKHFTFPVYCSEITGNLLKNKLHVQEQYIHPLPLDT
ECIVNGVKVVLLDANHCPGAVMILFYLPNGTVILHTGDFRADPSMERSLLADQKVHMLYLDTTYCSPEYTFPSQQEVIRF
AINTAFEAVTLNPHALVVCGTYSIGKEKVFLAIADVLGSKVGMSQEKYKTLQCLNIPEINSLITTDMCSSLVHLLPMMQI
NFKGLQSHLKKCGGKYNQILAFRPTGWTHSNKFTRIADVIPQTKGNISIYGIPYSEHSSYLEMKRFVQWLKPQKIIPTVN
VGTWKSRSTMEKYFREWKLEAGY
;
_entity_poly.pdbx_strand_id   A
#
# COMPACT_ATOMS: atom_id res chain seq x y z
N THR A 3 -25.40 4.75 -1.18
CA THR A 3 -25.16 4.93 -2.64
C THR A 3 -23.72 4.58 -3.04
N CYS A 4 -23.54 3.43 -3.66
CA CYS A 4 -22.22 3.03 -4.15
C CYS A 4 -21.82 3.97 -5.30
N PRO A 5 -20.64 4.60 -5.22
CA PRO A 5 -20.25 5.48 -6.33
C PRO A 5 -19.99 4.72 -7.64
N PHE A 6 -20.22 5.38 -8.77
CA PHE A 6 -20.01 4.77 -10.10
C PHE A 6 -18.58 4.22 -10.30
N TYR A 7 -17.59 4.86 -9.69
CA TYR A 7 -16.19 4.45 -9.89
C TYR A 7 -15.78 3.15 -9.15
N LYS A 8 -16.70 2.53 -8.40
CA LYS A 8 -16.51 1.20 -7.78
C LYS A 8 -17.33 0.09 -8.47
N LYS A 9 -17.91 0.40 -9.62
CA LYS A 9 -18.76 -0.49 -10.39
C LYS A 9 -18.09 -0.76 -11.73
N ILE A 10 -18.13 -2.03 -12.16
CA ILE A 10 -17.51 -2.47 -13.42
C ILE A 10 -18.64 -2.72 -14.46
N PRO A 11 -18.72 -1.86 -15.48
CA PRO A 11 -19.87 -1.96 -16.40
C PRO A 11 -19.90 -3.26 -17.18
N GLY A 12 -21.10 -3.80 -17.45
CA GLY A 12 -21.24 -5.02 -18.22
C GLY A 12 -20.99 -6.30 -17.46
N THR A 13 -20.89 -6.18 -16.12
CA THR A 13 -20.69 -7.28 -15.21
C THR A 13 -21.60 -7.13 -13.99
N GLY A 14 -21.63 -8.15 -13.15
CA GLY A 14 -22.26 -8.06 -11.85
C GLY A 14 -21.27 -7.65 -10.77
N PHE A 15 -20.18 -6.97 -11.12
CA PHE A 15 -19.05 -6.81 -10.16
C PHE A 15 -18.88 -5.42 -9.58
N THR A 16 -18.46 -5.38 -8.31
CA THR A 16 -17.97 -4.15 -7.69
C THR A 16 -16.56 -4.38 -7.15
N VAL A 17 -15.84 -3.29 -6.92
CA VAL A 17 -14.47 -3.30 -6.39
C VAL A 17 -14.38 -2.42 -5.13
N ASP A 18 -13.92 -3.01 -4.03
CA ASP A 18 -13.74 -2.29 -2.74
C ASP A 18 -15.03 -1.53 -2.30
N ALA A 19 -16.17 -2.21 -2.38
CA ALA A 19 -17.48 -1.59 -2.13
C ALA A 19 -18.28 -2.41 -1.11
N PHE A 20 -17.78 -2.43 0.13
CA PHE A 20 -18.35 -3.25 1.20
C PHE A 20 -19.12 -2.44 2.26
N GLN A 21 -19.17 -1.12 2.12
CA GLN A 21 -19.78 -0.21 3.13
C GLN A 21 -21.13 0.38 2.72
N TYR A 22 -21.81 -0.27 1.78
CA TYR A 22 -23.04 0.26 1.19
C TYR A 22 -24.23 -0.67 1.39
N GLY A 23 -24.05 -1.72 2.19
CA GLY A 23 -25.01 -2.84 2.25
C GLY A 23 -25.03 -3.62 0.93
N VAL A 24 -26.18 -4.21 0.65
CA VAL A 24 -26.37 -5.02 -0.57
C VAL A 24 -26.42 -4.03 -1.74
N VAL A 25 -25.47 -4.12 -2.65
CA VAL A 25 -25.45 -3.27 -3.83
C VAL A 25 -26.32 -3.91 -4.90
N GLU A 26 -27.23 -3.15 -5.48
CA GLU A 26 -28.21 -3.65 -6.46
C GLU A 26 -27.53 -4.27 -7.67
N GLY A 27 -27.76 -5.57 -7.87
CA GLY A 27 -27.27 -6.28 -9.05
C GLY A 27 -25.82 -6.76 -8.96
N CYS A 28 -25.21 -6.67 -7.78
CA CYS A 28 -23.85 -7.16 -7.59
C CYS A 28 -23.86 -8.63 -7.21
N THR A 29 -23.24 -9.46 -8.04
CA THR A 29 -23.17 -10.92 -7.84
C THR A 29 -21.82 -11.40 -7.28
N ALA A 30 -20.80 -10.53 -7.31
CA ALA A 30 -19.46 -10.82 -6.79
C ALA A 30 -18.73 -9.51 -6.39
N TYR A 31 -18.22 -9.47 -5.15
CA TYR A 31 -17.54 -8.33 -4.60
C TYR A 31 -16.03 -8.62 -4.62
N PHE A 32 -15.27 -7.77 -5.32
CA PHE A 32 -13.80 -7.89 -5.34
C PHE A 32 -13.20 -6.98 -4.25
N LEU A 33 -12.14 -7.47 -3.59
CA LEU A 33 -11.33 -6.69 -2.63
C LEU A 33 -9.87 -6.66 -3.07
N THR A 34 -9.36 -5.47 -3.40
CA THR A 34 -7.99 -5.33 -3.93
C THR A 34 -6.90 -5.57 -2.87
N HIS A 35 -7.16 -5.13 -1.63
CA HIS A 35 -6.17 -5.27 -0.54
C HIS A 35 -6.79 -5.03 0.84
N PHE A 36 -6.13 -5.53 1.88
CA PHE A 36 -6.61 -5.39 3.29
C PHE A 36 -6.15 -4.07 3.97
N HIS A 37 -6.71 -2.96 3.49
CA HIS A 37 -6.68 -1.66 4.17
C HIS A 37 -8.12 -1.23 4.47
N SER A 38 -8.30 -0.60 5.65
CA SER A 38 -9.65 -0.38 6.19
C SER A 38 -10.58 0.51 5.34
N ASP A 39 -10.03 1.52 4.65
CA ASP A 39 -10.86 2.33 3.72
C ASP A 39 -11.44 1.50 2.57
N HIS A 40 -10.80 0.36 2.26
CA HIS A 40 -11.26 -0.54 1.22
C HIS A 40 -12.11 -1.71 1.69
N TYR A 41 -11.75 -2.34 2.83
CA TYR A 41 -12.53 -3.46 3.39
C TYR A 41 -13.72 -3.04 4.27
N ALA A 42 -13.85 -1.75 4.62
CA ALA A 42 -14.88 -1.31 5.59
C ALA A 42 -16.25 -1.91 5.27
N GLY A 43 -16.78 -2.73 6.21
CA GLY A 43 -18.07 -3.39 6.07
C GLY A 43 -18.06 -4.92 6.15
N LEU A 44 -16.93 -5.55 5.86
CA LEU A 44 -16.80 -7.02 5.95
C LEU A 44 -16.74 -7.51 7.39
N SER A 45 -17.38 -8.65 7.65
CA SER A 45 -17.40 -9.31 8.97
C SER A 45 -17.84 -10.77 8.81
N LYS A 46 -17.91 -11.50 9.92
CA LYS A 46 -18.42 -12.90 9.93
C LYS A 46 -19.83 -13.10 9.37
N HIS A 47 -20.61 -12.02 9.26
CA HIS A 47 -21.99 -12.07 8.75
C HIS A 47 -22.14 -11.74 7.25
N PHE A 48 -21.02 -11.51 6.56
CA PHE A 48 -21.05 -11.29 5.12
C PHE A 48 -21.27 -12.63 4.42
N THR A 49 -22.33 -12.73 3.59
CA THR A 49 -22.68 -13.98 2.89
C THR A 49 -22.76 -13.88 1.34
N PHE A 50 -22.05 -12.92 0.74
CA PHE A 50 -21.86 -12.87 -0.71
C PHE A 50 -20.44 -13.32 -1.05
N PRO A 51 -20.20 -13.83 -2.27
CA PRO A 51 -18.83 -14.23 -2.66
C PRO A 51 -17.84 -13.05 -2.67
N VAL A 52 -16.68 -13.23 -2.04
CA VAL A 52 -15.62 -12.21 -2.05
C VAL A 52 -14.45 -12.79 -2.81
N TYR A 53 -13.96 -12.04 -3.80
CA TYR A 53 -12.83 -12.45 -4.61
C TYR A 53 -11.61 -11.58 -4.30
N CYS A 54 -10.45 -12.24 -4.15
CA CYS A 54 -9.21 -11.59 -3.63
C CYS A 54 -7.98 -12.48 -3.78
N SER A 55 -6.81 -11.95 -3.43
CA SER A 55 -5.57 -12.75 -3.36
C SER A 55 -5.59 -13.74 -2.20
N GLU A 56 -4.70 -14.73 -2.25
CA GLU A 56 -4.53 -15.67 -1.12
C GLU A 56 -4.22 -14.94 0.21
N ILE A 57 -3.30 -13.96 0.17
CA ILE A 57 -2.89 -13.26 1.39
C ILE A 57 -4.07 -12.46 1.97
N THR A 58 -4.78 -11.74 1.11
CA THR A 58 -5.98 -11.00 1.56
C THR A 58 -7.05 -11.94 2.17
N GLY A 59 -7.22 -13.12 1.57
CA GLY A 59 -8.11 -14.16 2.08
C GLY A 59 -7.74 -14.66 3.47
N ASN A 60 -6.43 -14.88 3.70
CA ASN A 60 -5.93 -15.25 5.05
C ASN A 60 -6.30 -14.22 6.11
N LEU A 61 -6.15 -12.94 5.77
CA LEU A 61 -6.51 -11.82 6.63
C LEU A 61 -8.03 -11.72 6.87
N LEU A 62 -8.81 -11.91 5.82
CA LEU A 62 -10.29 -11.93 5.96
C LEU A 62 -10.75 -13.01 6.94
N LYS A 63 -10.19 -14.21 6.80
CA LYS A 63 -10.57 -15.36 7.64
C LYS A 63 -10.14 -15.15 9.05
N ASN A 64 -8.89 -14.72 9.25
CA ASN A 64 -8.32 -14.68 10.61
C ASN A 64 -8.52 -13.40 11.40
N LYS A 65 -8.53 -12.25 10.72
CA LYS A 65 -8.66 -10.96 11.40
C LYS A 65 -10.10 -10.48 11.50
N LEU A 66 -10.89 -10.68 10.44
CA LEU A 66 -12.30 -10.28 10.40
C LEU A 66 -13.33 -11.42 10.64
N HIS A 67 -12.85 -12.67 10.64
N HIS A 67 -12.86 -12.68 10.63
CA HIS A 67 -13.66 -13.87 10.83
CA HIS A 67 -13.70 -13.85 10.86
C HIS A 67 -14.74 -14.09 9.78
C HIS A 67 -14.74 -14.10 9.78
N VAL A 68 -14.44 -13.74 8.53
CA VAL A 68 -15.31 -14.06 7.38
C VAL A 68 -15.28 -15.57 7.18
N GLN A 69 -16.43 -16.19 6.92
CA GLN A 69 -16.51 -17.65 6.80
C GLN A 69 -15.83 -18.11 5.51
N GLU A 70 -15.02 -19.15 5.62
CA GLU A 70 -14.27 -19.73 4.50
C GLU A 70 -15.08 -19.93 3.22
N GLN A 71 -16.29 -20.48 3.36
CA GLN A 71 -17.20 -20.74 2.22
C GLN A 71 -17.52 -19.51 1.33
N TYR A 72 -17.35 -18.31 1.87
CA TYR A 72 -17.55 -17.09 1.08
C TYR A 72 -16.27 -16.44 0.55
N ILE A 73 -15.10 -16.95 0.95
CA ILE A 73 -13.83 -16.40 0.49
C ILE A 73 -13.37 -17.18 -0.74
N HIS A 74 -13.10 -16.46 -1.83
CA HIS A 74 -12.61 -17.05 -3.07
C HIS A 74 -11.22 -16.50 -3.46
N PRO A 75 -10.15 -17.08 -2.90
CA PRO A 75 -8.80 -16.63 -3.28
C PRO A 75 -8.46 -17.06 -4.70
N LEU A 76 -7.74 -16.19 -5.44
CA LEU A 76 -7.24 -16.51 -6.78
C LEU A 76 -5.72 -16.40 -6.82
N PRO A 77 -5.06 -17.30 -7.55
CA PRO A 77 -3.63 -17.14 -7.79
C PRO A 77 -3.35 -15.90 -8.66
N LEU A 78 -2.18 -15.31 -8.51
CA LEU A 78 -1.73 -14.20 -9.36
C LEU A 78 -1.32 -14.71 -10.72
N ASP A 79 -1.35 -13.80 -11.70
CA ASP A 79 -0.80 -14.03 -13.04
C ASP A 79 -1.41 -15.22 -13.77
N THR A 80 -2.67 -15.53 -13.46
CA THR A 80 -3.38 -16.70 -13.97
C THR A 80 -4.79 -16.31 -14.46
N GLU A 81 -5.13 -16.68 -15.69
CA GLU A 81 -6.49 -16.48 -16.20
C GLU A 81 -7.50 -17.37 -15.44
N CYS A 82 -8.49 -16.70 -14.83
CA CYS A 82 -9.55 -17.35 -14.07
C CYS A 82 -10.92 -16.89 -14.60
N ILE A 83 -11.94 -17.71 -14.46
CA ILE A 83 -13.31 -17.36 -14.87
C ILE A 83 -14.18 -17.15 -13.63
N VAL A 84 -14.77 -15.97 -13.52
CA VAL A 84 -15.70 -15.61 -12.43
C VAL A 84 -17.05 -15.20 -13.02
N ASN A 85 -18.12 -15.94 -12.66
CA ASN A 85 -19.47 -15.71 -13.22
C ASN A 85 -19.46 -15.39 -14.72
N GLY A 86 -18.72 -16.24 -15.43
CA GLY A 86 -18.61 -16.18 -16.87
C GLY A 86 -17.75 -15.10 -17.47
N VAL A 87 -16.96 -14.40 -16.67
CA VAL A 87 -16.06 -13.34 -17.12
C VAL A 87 -14.60 -13.72 -16.78
N LYS A 88 -13.70 -13.61 -17.76
CA LYS A 88 -12.26 -13.88 -17.53
C LYS A 88 -11.65 -12.71 -16.74
N VAL A 89 -10.90 -13.06 -15.69
CA VAL A 89 -10.19 -12.07 -14.85
C VAL A 89 -8.76 -12.54 -14.57
N VAL A 90 -7.86 -11.58 -14.33
CA VAL A 90 -6.47 -11.85 -13.93
C VAL A 90 -6.13 -10.89 -12.77
N LEU A 91 -5.49 -11.42 -11.74
CA LEU A 91 -4.93 -10.60 -10.67
C LEU A 91 -3.41 -10.41 -10.88
N LEU A 92 -2.96 -9.15 -10.76
CA LEU A 92 -1.56 -8.76 -10.94
C LEU A 92 -1.04 -8.10 -9.67
N ASP A 93 0.25 -8.28 -9.39
CA ASP A 93 0.86 -7.63 -8.23
C ASP A 93 0.80 -6.10 -8.37
N ALA A 94 0.30 -5.43 -7.34
CA ALA A 94 0.13 -3.98 -7.36
C ALA A 94 1.33 -3.18 -6.78
N ASN A 95 2.34 -3.89 -6.25
CA ASN A 95 3.48 -3.22 -5.55
C ASN A 95 2.97 -2.16 -4.53
N HIS A 96 2.00 -2.58 -3.71
CA HIS A 96 1.45 -1.74 -2.62
C HIS A 96 1.84 -2.42 -1.30
N CYS A 97 0.89 -2.98 -0.56
CA CYS A 97 1.16 -3.71 0.71
C CYS A 97 1.05 -5.22 0.39
N PRO A 98 1.38 -6.09 1.34
CA PRO A 98 1.24 -7.51 1.05
C PRO A 98 -0.17 -7.94 0.69
N GLY A 99 -0.26 -8.72 -0.39
CA GLY A 99 -1.51 -9.24 -0.90
C GLY A 99 -2.32 -8.30 -1.79
N ALA A 100 -1.79 -7.08 -2.01
CA ALA A 100 -2.47 -6.08 -2.85
C ALA A 100 -2.38 -6.40 -4.34
N VAL A 101 -3.51 -6.31 -5.03
CA VAL A 101 -3.58 -6.67 -6.45
C VAL A 101 -4.21 -5.57 -7.30
N MET A 102 -3.82 -5.57 -8.58
CA MET A 102 -4.62 -4.93 -9.66
C MET A 102 -5.48 -6.03 -10.31
N ILE A 103 -6.61 -5.65 -10.97
CA ILE A 103 -7.53 -6.64 -11.56
C ILE A 103 -7.79 -6.27 -13.02
N LEU A 104 -7.49 -7.21 -13.92
CA LEU A 104 -7.84 -7.12 -15.35
C LEU A 104 -9.14 -7.86 -15.59
N PHE A 105 -10.14 -7.19 -16.18
CA PHE A 105 -11.41 -7.81 -16.57
C PHE A 105 -11.55 -7.80 -18.10
N TYR A 106 -11.88 -8.98 -18.65
CA TYR A 106 -12.07 -9.13 -20.10
C TYR A 106 -13.58 -9.26 -20.33
N LEU A 107 -14.24 -8.18 -20.74
CA LEU A 107 -15.69 -8.17 -20.90
C LEU A 107 -16.12 -9.01 -22.09
N PRO A 108 -17.32 -9.61 -22.02
CA PRO A 108 -17.84 -10.43 -23.12
C PRO A 108 -17.89 -9.75 -24.49
N ASN A 109 -18.11 -8.44 -24.52
CA ASN A 109 -18.12 -7.66 -25.76
C ASN A 109 -16.74 -7.24 -26.32
N GLY A 110 -15.63 -7.57 -25.64
CA GLY A 110 -14.25 -7.30 -26.11
C GLY A 110 -13.55 -6.12 -25.43
N THR A 111 -14.29 -5.40 -24.59
CA THR A 111 -13.71 -4.34 -23.78
C THR A 111 -12.80 -4.96 -22.72
N VAL A 112 -11.66 -4.32 -22.48
CA VAL A 112 -10.71 -4.76 -21.45
C VAL A 112 -10.55 -3.59 -20.46
N ILE A 113 -10.71 -3.90 -19.17
CA ILE A 113 -10.66 -2.93 -18.09
C ILE A 113 -9.56 -3.32 -17.08
N LEU A 114 -8.71 -2.34 -16.73
CA LEU A 114 -7.73 -2.53 -15.62
C LEU A 114 -8.13 -1.66 -14.45
N HIS A 115 -8.32 -2.29 -13.29
CA HIS A 115 -8.53 -1.56 -12.01
C HIS A 115 -7.22 -1.69 -11.19
N THR A 116 -6.54 -0.59 -10.92
CA THR A 116 -5.21 -0.66 -10.27
C THR A 116 -5.31 -0.92 -8.76
N GLY A 117 -6.50 -0.78 -8.18
CA GLY A 117 -6.59 -0.77 -6.72
C GLY A 117 -5.70 0.37 -6.22
N ASP A 118 -5.05 0.21 -5.07
CA ASP A 118 -3.91 1.09 -4.68
C ASP A 118 -2.62 0.48 -5.26
N PHE A 119 -1.76 1.30 -5.88
CA PHE A 119 -0.51 0.77 -6.49
C PHE A 119 0.66 1.76 -6.47
N ARG A 120 1.87 1.22 -6.54
CA ARG A 120 3.06 2.00 -6.86
C ARG A 120 3.61 1.53 -8.21
N ALA A 121 3.31 2.32 -9.25
CA ALA A 121 3.70 1.98 -10.62
C ALA A 121 5.19 1.73 -10.70
N ASP A 122 5.55 0.70 -11.46
CA ASP A 122 6.95 0.32 -11.65
C ASP A 122 7.13 -0.19 -13.09
N PRO A 123 8.32 0.05 -13.69
CA PRO A 123 8.55 -0.47 -15.08
C PRO A 123 8.43 -1.99 -15.22
N SER A 124 8.60 -2.73 -14.12
CA SER A 124 8.39 -4.19 -14.11
C SER A 124 6.99 -4.62 -14.52
N MET A 125 6.01 -3.73 -14.31
CA MET A 125 4.63 -3.99 -14.70
C MET A 125 4.46 -4.06 -16.23
N GLU A 126 5.37 -3.41 -16.95
CA GLU A 126 5.35 -3.33 -18.42
C GLU A 126 5.67 -4.69 -19.06
N ARG A 127 6.14 -5.66 -18.25
CA ARG A 127 6.38 -7.05 -18.69
C ARG A 127 5.57 -8.13 -18.00
N SER A 128 4.44 -7.76 -17.43
CA SER A 128 3.44 -8.72 -16.95
C SER A 128 2.49 -9.10 -18.11
N LEU A 129 1.39 -9.80 -17.80
CA LEU A 129 0.29 -10.03 -18.77
C LEU A 129 -0.37 -8.75 -19.32
N LEU A 130 -0.12 -7.57 -18.73
CA LEU A 130 -0.55 -6.30 -19.32
C LEU A 130 -0.02 -6.03 -20.70
N ALA A 131 1.16 -6.56 -20.99
CA ALA A 131 1.79 -6.28 -22.26
C ALA A 131 1.07 -6.97 -23.44
N ASP A 132 0.17 -7.92 -23.16
CA ASP A 132 -0.38 -8.87 -24.16
C ASP A 132 -1.66 -8.46 -24.91
N GLN A 133 -2.31 -7.38 -24.46
CA GLN A 133 -3.46 -6.80 -25.15
C GLN A 133 -3.66 -5.34 -24.78
N LYS A 134 -4.45 -4.69 -25.62
CA LYS A 134 -4.94 -3.35 -25.43
C LYS A 134 -5.88 -3.26 -24.19
N VAL A 135 -5.74 -2.17 -23.43
CA VAL A 135 -6.65 -1.81 -22.33
C VAL A 135 -7.50 -0.58 -22.68
N HIS A 136 -8.83 -0.71 -22.61
CA HIS A 136 -9.74 0.37 -23.02
C HIS A 136 -10.05 1.36 -21.90
N MET A 137 -10.28 0.87 -20.69
CA MET A 137 -10.64 1.72 -19.54
C MET A 137 -9.72 1.43 -18.36
N LEU A 138 -9.21 2.50 -17.74
CA LEU A 138 -8.28 2.40 -16.59
C LEU A 138 -8.89 3.06 -15.34
N TYR A 139 -9.10 2.31 -14.27
CA TYR A 139 -9.56 2.89 -13.01
C TYR A 139 -8.30 3.07 -12.18
N LEU A 140 -7.89 4.35 -12.02
CA LEU A 140 -6.53 4.70 -11.61
C LEU A 140 -6.41 5.25 -10.20
N ASP A 141 -5.46 4.68 -9.44
CA ASP A 141 -5.05 5.23 -8.12
C ASP A 141 -4.29 6.53 -8.35
N THR A 142 -5.01 7.64 -8.16
CA THR A 142 -4.51 9.00 -8.40
C THR A 142 -4.09 9.75 -7.11
N THR A 143 -3.70 9.02 -6.06
CA THR A 143 -3.40 9.61 -4.73
C THR A 143 -2.46 10.84 -4.85
N TYR A 144 -1.35 10.68 -5.58
CA TYR A 144 -0.31 11.70 -5.72
C TYR A 144 -0.21 12.26 -7.17
N CYS A 145 -1.38 12.46 -7.80
CA CYS A 145 -1.45 12.97 -9.15
C CYS A 145 -1.25 14.49 -9.22
N SER A 146 -0.03 14.94 -8.89
CA SER A 146 0.39 16.35 -9.00
C SER A 146 1.92 16.40 -8.96
N PRO A 147 2.56 17.24 -9.81
CA PRO A 147 4.03 17.23 -9.96
C PRO A 147 4.86 17.54 -8.72
N GLU A 148 4.28 18.18 -7.71
CA GLU A 148 4.99 18.41 -6.45
C GLU A 148 5.31 17.13 -5.69
N TYR A 149 4.60 16.04 -5.99
CA TYR A 149 4.81 14.75 -5.32
C TYR A 149 5.93 13.97 -5.96
N THR A 150 7.14 14.24 -5.47
CA THR A 150 8.35 13.51 -5.79
C THR A 150 8.74 12.78 -4.51
N PHE A 151 9.17 11.53 -4.62
CA PHE A 151 9.86 10.93 -3.49
C PHE A 151 10.96 9.96 -3.98
N PRO A 152 11.87 9.60 -3.08
CA PRO A 152 12.93 8.66 -3.48
C PRO A 152 12.40 7.25 -3.68
N SER A 153 13.24 6.39 -4.22
CA SER A 153 12.90 4.98 -4.35
C SER A 153 12.84 4.39 -2.95
N GLN A 154 12.10 3.31 -2.84
CA GLN A 154 12.04 2.56 -1.60
C GLN A 154 13.43 2.09 -1.15
N GLN A 155 14.25 1.64 -2.10
CA GLN A 155 15.63 1.19 -1.82
C GLN A 155 16.49 2.29 -1.16
N GLU A 156 16.43 3.52 -1.66
CA GLU A 156 17.21 4.64 -1.08
C GLU A 156 16.75 4.94 0.35
N VAL A 157 15.44 4.88 0.59
CA VAL A 157 14.90 5.15 1.91
C VAL A 157 15.31 4.06 2.91
N ILE A 158 15.29 2.79 2.48
CA ILE A 158 15.74 1.70 3.38
C ILE A 158 17.23 1.82 3.68
N ARG A 159 18.05 2.18 2.67
CA ARG A 159 19.48 2.45 2.91
C ARG A 159 19.69 3.50 4.02
N PHE A 160 18.94 4.59 3.94
CA PHE A 160 19.03 5.66 4.94
C PHE A 160 18.67 5.12 6.33
N ALA A 161 17.56 4.41 6.43
CA ALA A 161 17.10 3.87 7.73
C ALA A 161 18.07 2.85 8.36
N ILE A 162 18.54 1.89 7.55
CA ILE A 162 19.58 0.90 7.99
C ILE A 162 20.84 1.57 8.54
N ASN A 163 21.37 2.49 7.74
CA ASN A 163 22.62 3.17 8.09
C ASN A 163 22.44 4.02 9.37
N THR A 164 21.33 4.73 9.49
CA THR A 164 20.99 5.55 10.68
C THR A 164 20.88 4.73 11.96
N ALA A 165 20.13 3.63 11.89
CA ALA A 165 19.94 2.74 13.04
C ALA A 165 21.24 2.01 13.44
N PHE A 166 21.99 1.53 12.45
CA PHE A 166 23.24 0.79 12.74
C PHE A 166 24.24 1.70 13.43
N GLU A 167 24.40 2.92 12.88
CA GLU A 167 25.26 3.95 13.52
C GLU A 167 24.84 4.27 14.97
N ALA A 168 23.57 4.56 15.16
CA ALA A 168 23.08 4.91 16.50
C ALA A 168 23.29 3.82 17.58
N VAL A 169 23.02 2.57 17.23
CA VAL A 169 23.12 1.45 18.17
C VAL A 169 24.58 0.99 18.38
N THR A 170 25.43 1.17 17.37
CA THR A 170 26.86 0.85 17.51
C THR A 170 27.50 1.89 18.43
N LEU A 171 27.13 3.18 18.29
CA LEU A 171 27.59 4.23 19.21
C LEU A 171 27.09 4.07 20.67
N ASN A 172 25.79 3.74 20.80
CA ASN A 172 25.17 3.46 22.10
C ASN A 172 24.43 2.11 22.09
N PRO A 173 25.06 1.00 22.57
CA PRO A 173 24.41 -0.32 22.67
C PRO A 173 23.17 -0.40 23.56
N HIS A 174 22.96 0.58 24.43
CA HIS A 174 21.73 0.74 25.20
C HIS A 174 20.63 1.61 24.54
N ALA A 175 20.77 1.96 23.25
CA ALA A 175 19.66 2.62 22.51
C ALA A 175 18.60 1.59 22.03
N LEU A 176 17.33 1.95 22.14
CA LEU A 176 16.20 1.15 21.59
C LEU A 176 15.77 1.79 20.27
N VAL A 177 15.50 0.98 19.24
CA VAL A 177 14.87 1.51 18.02
C VAL A 177 13.39 1.19 18.05
N VAL A 178 12.55 2.17 17.69
CA VAL A 178 11.08 1.99 17.59
C VAL A 178 10.58 2.36 16.20
N CYS A 179 9.68 1.55 15.66
N CYS A 179 9.68 1.55 15.66
CA CYS A 179 9.04 1.84 14.37
CA CYS A 179 9.05 1.85 14.37
C CYS A 179 7.53 1.90 14.58
C CYS A 179 7.54 1.89 14.55
N GLY A 180 6.90 2.89 13.95
CA GLY A 180 5.44 3.07 13.99
C GLY A 180 4.72 2.28 12.91
N THR A 181 3.53 1.79 13.23
CA THR A 181 2.63 1.11 12.25
C THR A 181 1.14 1.29 12.61
N TYR A 182 0.28 1.39 11.61
CA TYR A 182 -1.21 1.35 11.84
C TYR A 182 -2.03 0.47 10.90
N SER A 183 -1.33 -0.22 10.00
CA SER A 183 -1.95 -1.14 9.06
C SER A 183 -0.83 -1.99 8.44
N ILE A 184 -1.20 -2.97 7.61
CA ILE A 184 -0.19 -3.72 6.87
C ILE A 184 0.43 -2.77 5.84
N GLY A 185 1.59 -3.17 5.32
CA GLY A 185 2.44 -2.34 4.42
C GLY A 185 3.71 -1.84 5.13
N LYS A 186 4.76 -1.56 4.35
CA LYS A 186 5.99 -0.92 4.84
C LYS A 186 6.77 -1.79 5.84
N GLU A 187 6.52 -3.10 5.77
CA GLU A 187 7.18 -4.06 6.64
C GLU A 187 8.71 -4.03 6.46
N LYS A 188 9.19 -3.73 5.24
CA LYS A 188 10.63 -3.68 4.98
C LYS A 188 11.37 -2.70 5.91
N VAL A 189 10.71 -1.62 6.33
CA VAL A 189 11.35 -0.63 7.21
C VAL A 189 11.86 -1.33 8.48
N PHE A 190 10.94 -1.97 9.21
CA PHE A 190 11.32 -2.61 10.47
C PHE A 190 12.11 -3.92 10.31
N LEU A 191 11.83 -4.69 9.26
CA LEU A 191 12.57 -5.95 9.03
C LEU A 191 14.03 -5.70 8.64
N ALA A 192 14.31 -4.70 7.80
CA ALA A 192 15.68 -4.41 7.37
C ALA A 192 16.53 -3.84 8.52
N ILE A 193 15.91 -3.04 9.39
CA ILE A 193 16.62 -2.53 10.59
C ILE A 193 16.95 -3.69 11.54
N ALA A 194 15.98 -4.56 11.80
CA ALA A 194 16.24 -5.70 12.71
C ALA A 194 17.36 -6.60 12.16
N ASP A 195 17.33 -6.83 10.86
CA ASP A 195 18.35 -7.66 10.19
C ASP A 195 19.78 -7.06 10.32
N VAL A 196 19.93 -5.74 10.17
CA VAL A 196 21.25 -5.14 10.35
C VAL A 196 21.76 -5.13 11.82
N LEU A 197 20.84 -5.13 12.78
CA LEU A 197 21.18 -5.12 14.20
C LEU A 197 21.27 -6.52 14.84
N GLY A 198 20.97 -7.57 14.06
CA GLY A 198 20.93 -8.94 14.61
C GLY A 198 19.89 -9.18 15.69
N SER A 199 18.73 -8.54 15.54
CA SER A 199 17.63 -8.65 16.48
C SER A 199 16.36 -9.15 15.77
N LYS A 200 15.41 -9.64 16.55
CA LYS A 200 14.02 -9.80 16.08
C LYS A 200 13.24 -8.52 16.38
N VAL A 201 12.12 -8.36 15.69
CA VAL A 201 11.22 -7.24 15.92
C VAL A 201 10.16 -7.70 16.90
N GLY A 202 10.07 -7.01 18.02
CA GLY A 202 9.08 -7.25 19.05
C GLY A 202 7.82 -6.43 18.88
N MET A 203 6.67 -7.05 19.13
CA MET A 203 5.39 -6.44 18.86
C MET A 203 4.28 -7.11 19.67
N SER A 204 3.11 -6.47 19.70
CA SER A 204 1.93 -7.04 20.36
C SER A 204 1.50 -8.38 19.76
N GLN A 205 0.76 -9.16 20.54
CA GLN A 205 0.13 -10.41 20.02
C GLN A 205 -0.72 -10.16 18.74
N GLU A 206 -1.56 -9.12 18.76
CA GLU A 206 -2.43 -8.77 17.61
C GLU A 206 -1.64 -8.47 16.33
N LYS A 207 -0.56 -7.70 16.43
CA LYS A 207 0.27 -7.41 15.26
C LYS A 207 1.05 -8.64 14.77
N TYR A 208 1.53 -9.47 15.70
CA TYR A 208 2.22 -10.72 15.33
C TYR A 208 1.27 -11.66 14.54
N LYS A 209 0.01 -11.77 15.02
CA LYS A 209 -1.08 -12.50 14.31
C LYS A 209 -1.25 -12.01 12.86
N THR A 210 -1.34 -10.70 12.69
CA THR A 210 -1.48 -10.08 11.35
C THR A 210 -0.31 -10.48 10.44
N LEU A 211 0.91 -10.33 10.93
CA LEU A 211 2.07 -10.66 10.11
C LEU A 211 2.16 -12.16 9.78
N GLN A 212 1.74 -13.02 10.71
CA GLN A 212 1.69 -14.48 10.42
C GLN A 212 0.74 -14.84 9.26
N CYS A 213 -0.27 -14.02 8.99
CA CYS A 213 -1.18 -14.25 7.84
C CYS A 213 -0.54 -13.99 6.47
N LEU A 214 0.61 -13.32 6.42
CA LEU A 214 1.17 -12.87 5.14
C LEU A 214 2.01 -13.87 4.32
N ASN A 215 2.29 -15.07 4.83
CA ASN A 215 3.24 -15.99 4.13
C ASN A 215 4.62 -15.40 3.78
N ILE A 216 5.15 -14.45 4.55
CA ILE A 216 6.47 -13.86 4.26
C ILE A 216 7.48 -14.95 4.59
N PRO A 217 8.46 -15.20 3.69
CA PRO A 217 9.45 -16.26 3.98
C PRO A 217 10.33 -15.91 5.17
N GLU A 218 10.52 -16.91 6.03
CA GLU A 218 11.41 -16.83 7.19
C GLU A 218 10.96 -15.73 8.17
N ILE A 219 9.66 -15.57 8.32
CA ILE A 219 9.11 -14.53 9.19
C ILE A 219 9.21 -14.92 10.66
N ASN A 220 9.05 -16.19 11.01
CA ASN A 220 9.32 -16.65 12.37
C ASN A 220 10.74 -16.26 12.81
N SER A 221 11.67 -16.28 11.84
CA SER A 221 13.03 -15.86 12.08
C SER A 221 13.20 -14.37 12.35
N LEU A 222 12.27 -13.49 11.98
CA LEU A 222 12.45 -12.01 12.24
C LEU A 222 11.45 -11.34 13.17
N ILE A 223 10.34 -11.99 13.55
CA ILE A 223 9.36 -11.34 14.43
C ILE A 223 9.14 -12.14 15.73
N THR A 224 8.67 -11.44 16.77
CA THR A 224 8.42 -12.07 18.09
C THR A 224 7.44 -11.26 18.93
N THR A 225 6.81 -11.93 19.92
CA THR A 225 6.03 -11.23 20.95
C THR A 225 6.83 -11.01 22.24
N ASP A 226 8.09 -11.46 22.26
CA ASP A 226 8.94 -11.29 23.47
C ASP A 226 9.70 -9.97 23.34
N MET A 227 9.17 -8.92 23.96
CA MET A 227 9.72 -7.58 23.85
C MET A 227 11.11 -7.50 24.51
N CYS A 228 11.29 -8.28 25.58
CA CYS A 228 12.53 -8.30 26.35
C CYS A 228 13.75 -8.74 25.56
N SER A 229 13.57 -9.67 24.62
CA SER A 229 14.69 -10.16 23.81
C SER A 229 14.96 -9.31 22.55
N SER A 230 14.17 -8.27 22.32
CA SER A 230 14.19 -7.48 21.08
C SER A 230 14.72 -6.04 21.30
N LEU A 231 15.59 -5.54 20.42
CA LEU A 231 15.95 -4.09 20.45
C LEU A 231 15.34 -3.28 19.30
N VAL A 232 14.37 -3.85 18.60
CA VAL A 232 13.54 -3.12 17.64
C VAL A 232 12.10 -3.43 18.05
N HIS A 233 11.36 -2.40 18.48
CA HIS A 233 9.94 -2.57 18.90
C HIS A 233 8.99 -1.88 17.94
N LEU A 234 7.85 -2.54 17.64
CA LEU A 234 6.79 -1.92 16.85
C LEU A 234 5.73 -1.43 17.78
N LEU A 235 5.33 -0.19 17.60
CA LEU A 235 4.21 0.41 18.34
C LEU A 235 3.19 1.02 17.38
N PRO A 236 1.96 1.26 17.84
CA PRO A 236 0.99 1.98 17.04
C PRO A 236 1.50 3.34 16.65
N MET A 237 1.16 3.76 15.44
CA MET A 237 1.60 5.05 14.91
C MET A 237 1.25 6.24 15.82
N MET A 238 0.10 6.14 16.50
CA MET A 238 -0.38 7.15 17.48
C MET A 238 0.59 7.45 18.64
N GLN A 239 1.38 6.44 19.01
CA GLN A 239 2.35 6.55 20.10
C GLN A 239 3.75 7.08 19.68
N ILE A 240 3.95 7.36 18.38
CA ILE A 240 5.25 7.88 17.92
C ILE A 240 5.29 9.42 18.07
N ASN A 241 5.41 9.83 19.33
CA ASN A 241 5.58 11.22 19.75
C ASN A 241 6.34 11.22 21.08
N PHE A 242 6.80 12.39 21.50
CA PHE A 242 7.68 12.46 22.69
C PHE A 242 7.08 11.90 23.99
N LYS A 243 5.79 12.18 24.25
CA LYS A 243 5.10 11.62 25.42
C LYS A 243 4.97 10.09 25.36
N GLY A 244 4.50 9.59 24.22
CA GLY A 244 4.28 8.16 24.05
C GLY A 244 5.56 7.35 24.14
N LEU A 245 6.65 7.94 23.65
CA LEU A 245 7.94 7.27 23.62
C LEU A 245 8.64 7.36 24.98
N GLN A 246 8.53 8.51 25.66
CA GLN A 246 8.97 8.61 27.07
C GLN A 246 8.31 7.54 27.95
N SER A 247 7.00 7.39 27.80
CA SER A 247 6.24 6.36 28.53
C SER A 247 6.69 4.93 28.22
N HIS A 248 6.93 4.63 26.95
CA HIS A 248 7.42 3.32 26.58
C HIS A 248 8.80 3.01 27.18
N LEU A 249 9.67 4.02 27.22
CA LEU A 249 11.02 3.86 27.74
C LEU A 249 10.94 3.54 29.25
N LYS A 250 10.07 4.25 29.95
CA LYS A 250 9.81 3.92 31.37
C LYS A 250 9.46 2.45 31.56
N LYS A 251 8.64 1.90 30.66
CA LYS A 251 8.22 0.49 30.78
C LYS A 251 9.30 -0.56 30.52
N CYS A 252 10.39 -0.19 29.88
CA CYS A 252 11.48 -1.13 29.58
C CYS A 252 12.47 -1.34 30.74
N GLY A 253 12.21 -0.72 31.90
CA GLY A 253 12.86 -1.10 33.16
C GLY A 253 14.37 -0.89 33.25
N GLY A 254 14.86 0.21 32.69
CA GLY A 254 16.28 0.51 32.73
C GLY A 254 17.20 -0.31 31.82
N LYS A 255 16.63 -1.08 30.90
CA LYS A 255 17.39 -1.78 29.86
C LYS A 255 17.96 -0.80 28.82
N TYR A 256 17.22 0.31 28.61
CA TYR A 256 17.56 1.29 27.57
C TYR A 256 17.56 2.70 28.12
N ASN A 257 18.39 3.56 27.52
CA ASN A 257 18.54 4.98 27.94
C ASN A 257 18.38 6.00 26.82
N GLN A 258 17.99 5.55 25.64
CA GLN A 258 17.81 6.39 24.45
C GLN A 258 16.83 5.67 23.52
N ILE A 259 15.99 6.45 22.83
CA ILE A 259 15.12 5.94 21.74
C ILE A 259 15.40 6.67 20.42
N LEU A 260 15.60 5.88 19.37
CA LEU A 260 15.62 6.32 17.98
C LEU A 260 14.31 5.77 17.37
N ALA A 261 13.41 6.64 16.93
CA ALA A 261 12.11 6.22 16.35
C ALA A 261 11.90 6.63 14.88
N PHE A 262 11.20 5.78 14.13
CA PHE A 262 10.88 6.04 12.70
C PHE A 262 9.36 6.06 12.47
N ARG A 263 8.90 7.13 11.81
CA ARG A 263 7.51 7.27 11.28
C ARG A 263 7.59 7.21 9.76
N PRO A 264 7.14 6.09 9.14
CA PRO A 264 7.34 5.91 7.67
C PRO A 264 6.26 6.53 6.76
N THR A 265 5.88 7.77 7.02
CA THR A 265 4.80 8.46 6.29
C THR A 265 4.95 8.48 4.75
N GLY A 266 3.83 8.66 4.04
CA GLY A 266 3.83 8.69 2.57
C GLY A 266 4.68 9.82 1.98
N TRP A 267 4.17 11.05 2.10
CA TRP A 267 4.83 12.27 1.60
C TRP A 267 4.90 13.38 2.66
N THR A 268 6.10 13.97 2.79
CA THR A 268 6.31 15.23 3.49
C THR A 268 6.81 16.28 2.47
N HIS A 269 6.82 17.56 2.87
CA HIS A 269 7.20 18.69 2.01
C HIS A 269 8.67 19.09 2.25
N SER A 270 9.40 18.24 2.97
CA SER A 270 10.85 18.21 2.91
C SER A 270 11.32 17.82 1.50
N ASN A 271 10.63 16.86 0.88
CA ASN A 271 10.98 16.33 -0.46
C ASN A 271 11.02 17.39 -1.58
N LYS A 272 10.21 18.45 -1.43
CA LYS A 272 10.20 19.58 -2.37
C LYS A 272 11.47 20.45 -2.31
N PHE A 273 12.09 20.52 -1.13
CA PHE A 273 13.28 21.37 -0.90
C PHE A 273 14.50 20.59 -0.39
N THR A 274 14.43 19.25 -0.34
CA THR A 274 15.45 18.44 0.36
C THR A 274 15.68 17.07 -0.30
N ARG A 275 16.88 16.52 -0.08
CA ARG A 275 17.24 15.14 -0.48
C ARG A 275 17.15 14.19 0.72
N ILE A 276 17.07 12.88 0.45
CA ILE A 276 16.95 11.87 1.52
C ILE A 276 18.15 11.91 2.47
N ALA A 277 19.34 12.09 1.91
CA ALA A 277 20.60 12.22 2.68
C ALA A 277 20.60 13.39 3.65
N ASP A 278 19.81 14.43 3.34
CA ASP A 278 19.67 15.64 4.16
C ASP A 278 18.58 15.60 5.25
N VAL A 279 17.91 14.45 5.43
CA VAL A 279 16.81 14.33 6.42
C VAL A 279 17.37 14.29 7.85
N ILE A 280 16.73 15.05 8.74
CA ILE A 280 17.17 15.17 10.14
C ILE A 280 15.97 14.93 11.06
N PRO A 281 16.24 14.49 12.31
CA PRO A 281 15.15 14.17 13.21
C PRO A 281 14.68 15.36 14.01
N GLN A 282 13.51 15.20 14.65
CA GLN A 282 13.10 16.03 15.78
C GLN A 282 13.60 15.39 17.08
N THR A 283 14.23 16.18 17.94
CA THR A 283 14.86 15.62 19.14
C THR A 283 14.44 16.37 20.38
N LYS A 284 14.19 15.62 21.46
CA LYS A 284 13.89 16.19 22.78
C LYS A 284 14.54 15.27 23.80
N GLY A 285 15.60 15.75 24.44
CA GLY A 285 16.28 14.98 25.44
C GLY A 285 16.94 13.76 24.80
N ASN A 286 16.60 12.57 25.30
CA ASN A 286 17.20 11.33 24.81
C ASN A 286 16.32 10.56 23.77
N ILE A 287 15.41 11.29 23.11
CA ILE A 287 14.48 10.73 22.11
C ILE A 287 14.61 11.50 20.80
N SER A 288 14.82 10.78 19.70
CA SER A 288 14.83 11.36 18.34
C SER A 288 13.80 10.66 17.46
N ILE A 289 13.05 11.46 16.69
CA ILE A 289 12.02 10.96 15.74
C ILE A 289 12.31 11.37 14.28
N TYR A 290 12.51 10.37 13.41
CA TYR A 290 12.70 10.57 11.98
C TYR A 290 11.40 10.29 11.23
N GLY A 291 10.97 11.25 10.43
CA GLY A 291 9.92 11.05 9.41
C GLY A 291 10.60 10.69 8.10
N ILE A 292 10.35 9.48 7.59
CA ILE A 292 11.00 9.02 6.35
C ILE A 292 9.94 8.81 5.26
N PRO A 293 10.22 9.27 4.02
CA PRO A 293 9.22 9.27 2.94
C PRO A 293 9.13 7.92 2.20
N TYR A 294 8.75 6.87 2.92
CA TYR A 294 8.57 5.53 2.35
C TYR A 294 7.15 5.43 1.78
N SER A 295 7.03 5.50 0.46
CA SER A 295 5.68 5.45 -0.17
C SER A 295 5.35 4.11 -0.78
N GLU A 296 4.09 3.70 -0.61
CA GLU A 296 3.51 2.55 -1.31
C GLU A 296 2.46 2.98 -2.39
N HIS A 297 2.50 4.27 -2.80
CA HIS A 297 1.74 4.79 -3.91
C HIS A 297 2.70 5.43 -4.93
N SER A 298 2.26 5.42 -6.21
CA SER A 298 3.03 6.03 -7.30
C SER A 298 3.39 7.48 -7.02
N SER A 299 4.65 7.86 -7.27
CA SER A 299 4.96 9.30 -7.46
C SER A 299 4.23 9.84 -8.74
N TYR A 300 4.18 11.15 -8.90
CA TYR A 300 3.64 11.74 -10.12
C TYR A 300 4.33 11.20 -11.37
N LEU A 301 5.66 11.21 -11.38
CA LEU A 301 6.39 10.72 -12.58
C LEU A 301 6.22 9.23 -12.85
N GLU A 302 6.13 8.41 -11.80
CA GLU A 302 5.91 6.98 -11.96
C GLU A 302 4.53 6.69 -12.58
N MET A 303 3.53 7.41 -12.06
CA MET A 303 2.15 7.34 -12.58
C MET A 303 2.07 7.76 -14.06
N LYS A 304 2.66 8.92 -14.37
CA LYS A 304 2.74 9.40 -15.77
C LYS A 304 3.34 8.37 -16.74
N ARG A 305 4.46 7.77 -16.35
CA ARG A 305 5.15 6.81 -17.23
C ARG A 305 4.26 5.58 -17.52
N PHE A 306 3.63 5.06 -16.46
CA PHE A 306 2.73 3.92 -16.56
C PHE A 306 1.56 4.20 -17.49
N VAL A 307 0.90 5.35 -17.31
CA VAL A 307 -0.25 5.69 -18.15
C VAL A 307 0.15 5.93 -19.62
N GLN A 308 1.30 6.58 -19.85
CA GLN A 308 1.78 6.88 -21.21
C GLN A 308 2.20 5.60 -21.94
N TRP A 309 2.69 4.60 -21.18
CA TRP A 309 2.99 3.26 -21.70
C TRP A 309 1.69 2.48 -22.05
N LEU A 310 0.73 2.48 -21.13
CA LEU A 310 -0.52 1.72 -21.32
C LEU A 310 -1.46 2.27 -22.41
N LYS A 311 -1.50 3.60 -22.54
CA LYS A 311 -2.30 4.32 -23.54
C LYS A 311 -3.81 3.98 -23.50
N PRO A 312 -4.44 4.12 -22.33
CA PRO A 312 -5.86 3.79 -22.21
C PRO A 312 -6.76 4.77 -22.96
N GLN A 313 -7.89 4.30 -23.47
CA GLN A 313 -8.85 5.21 -24.15
C GLN A 313 -9.61 6.12 -23.17
N LYS A 314 -9.89 5.62 -21.94
CA LYS A 314 -10.57 6.37 -20.90
C LYS A 314 -9.95 6.09 -19.52
N ILE A 315 -9.78 7.15 -18.71
CA ILE A 315 -9.28 7.05 -17.33
C ILE A 315 -10.38 7.50 -16.36
N ILE A 316 -10.59 6.69 -15.33
CA ILE A 316 -11.53 6.98 -14.25
C ILE A 316 -10.72 7.04 -12.95
N PRO A 317 -10.48 8.26 -12.43
CA PRO A 317 -9.77 8.33 -11.11
C PRO A 317 -10.56 7.73 -9.95
N THR A 318 -9.86 7.11 -9.00
CA THR A 318 -10.47 6.54 -7.79
C THR A 318 -10.07 7.24 -6.47
N VAL A 319 -9.18 8.25 -6.54
CA VAL A 319 -8.72 8.99 -5.37
C VAL A 319 -8.72 10.52 -5.72
N ASN A 320 -9.03 11.33 -4.72
CA ASN A 320 -9.13 12.81 -4.88
C ASN A 320 -10.33 13.20 -5.76
N VAL A 321 -11.40 12.39 -5.72
CA VAL A 321 -12.56 12.65 -6.58
C VAL A 321 -13.60 13.60 -5.98
N GLY A 322 -13.41 14.01 -4.73
CA GLY A 322 -14.47 14.73 -3.99
C GLY A 322 -14.59 16.22 -4.23
N THR A 323 -13.59 16.85 -4.85
CA THR A 323 -13.63 18.28 -5.14
C THR A 323 -13.49 18.57 -6.65
N TRP A 324 -14.19 19.61 -7.10
CA TRP A 324 -14.12 20.04 -8.50
C TRP A 324 -12.70 20.50 -8.88
N LYS A 325 -12.03 21.18 -7.96
CA LYS A 325 -10.66 21.63 -8.21
C LYS A 325 -9.74 20.44 -8.46
N SER A 326 -9.84 19.37 -7.64
CA SER A 326 -9.00 18.16 -7.82
C SER A 326 -9.29 17.44 -9.10
N ARG A 327 -10.59 17.21 -9.34
CA ARG A 327 -11.01 16.56 -10.58
C ARG A 327 -10.47 17.30 -11.81
N SER A 328 -10.64 18.64 -11.86
CA SER A 328 -10.20 19.47 -13.00
C SER A 328 -8.69 19.40 -13.22
N THR A 329 -7.95 19.47 -12.11
CA THR A 329 -6.47 19.35 -12.12
C THR A 329 -6.01 18.00 -12.71
N MET A 330 -6.61 16.89 -12.24
CA MET A 330 -6.23 15.57 -12.75
C MET A 330 -6.53 15.42 -14.27
N GLU A 331 -7.71 15.86 -14.69
N GLU A 331 -7.70 15.85 -14.70
CA GLU A 331 -8.09 15.81 -16.13
CA GLU A 331 -8.08 15.80 -16.13
C GLU A 331 -7.14 16.62 -17.02
C GLU A 331 -7.11 16.61 -17.01
N LYS A 332 -6.69 17.77 -16.52
CA LYS A 332 -5.69 18.57 -17.25
C LYS A 332 -4.36 17.82 -17.39
N TYR A 333 -3.92 17.12 -16.35
CA TYR A 333 -2.69 16.27 -16.47
C TYR A 333 -2.85 15.10 -17.44
N PHE A 334 -3.99 14.42 -17.38
CA PHE A 334 -4.26 13.34 -18.33
C PHE A 334 -4.18 13.82 -19.80
N ARG A 335 -4.75 14.99 -20.10
N ARG A 335 -4.74 15.00 -20.09
CA ARG A 335 -4.70 15.54 -21.46
CA ARG A 335 -4.68 15.52 -21.48
C ARG A 335 -3.26 15.91 -21.83
C ARG A 335 -3.23 15.85 -21.85
N GLU A 336 -2.52 16.49 -20.89
N GLU A 336 -2.51 16.46 -20.92
CA GLU A 336 -1.10 16.78 -21.14
CA GLU A 336 -1.10 16.78 -21.18
C GLU A 336 -0.39 15.50 -21.56
C GLU A 336 -0.31 15.52 -21.52
N TRP A 337 -0.57 14.43 -20.78
CA TRP A 337 0.13 13.15 -21.02
C TRP A 337 -0.17 12.54 -22.39
N LYS A 338 -1.46 12.61 -22.75
N LYS A 338 -1.44 12.60 -22.79
CA LYS A 338 -2.00 12.10 -24.01
CA LYS A 338 -1.89 12.18 -24.11
C LYS A 338 -1.41 12.84 -25.21
C LYS A 338 -1.20 12.98 -25.21
N LEU A 339 -1.37 14.18 -25.13
N LEU A 339 -1.29 14.31 -25.12
CA LEU A 339 -0.75 15.01 -26.17
CA LEU A 339 -0.73 15.21 -26.16
C LEU A 339 0.74 14.70 -26.36
C LEU A 339 0.80 15.15 -26.26
N GLU A 340 1.52 14.73 -25.26
N GLU A 340 1.49 14.92 -25.14
CA GLU A 340 2.97 14.50 -25.34
CA GLU A 340 2.96 14.78 -25.18
C GLU A 340 3.30 13.12 -25.92
C GLU A 340 3.41 13.56 -25.99
N ALA A 341 2.63 12.08 -25.42
N ALA A 341 2.61 12.48 -25.99
CA ALA A 341 2.95 10.71 -25.86
CA ALA A 341 2.95 11.29 -26.78
C ALA A 341 2.32 10.36 -27.23
C ALA A 341 2.46 11.33 -28.24
N GLY A 342 1.22 11.02 -27.58
N GLY A 342 1.72 12.38 -28.61
CA GLY A 342 0.70 10.99 -28.96
CA GLY A 342 1.25 12.59 -29.99
C GLY A 342 -0.49 10.09 -29.22
C GLY A 342 -0.14 12.04 -30.30
N TYR A 343 -1.17 9.62 -28.17
N TYR A 343 -0.94 11.82 -29.25
CA TYR A 343 -2.39 8.83 -28.36
CA TYR A 343 -2.30 11.28 -29.39
C TYR A 343 -3.62 9.71 -28.28
C TYR A 343 -3.35 12.37 -29.23
#